data_7BLC
#
_entry.id   7BLC
#
_cell.length_a   94.950
_cell.length_b   94.950
_cell.length_c   32.355
_cell.angle_alpha   90.000
_cell.angle_beta   90.000
_cell.angle_gamma   120.000
#
_symmetry.space_group_name_H-M   'P 31 2 1'
#
loop_
_entity.id
_entity.type
_entity.pdbx_description
1 polymer 'Bromodomain adjacent to zinc finger domain protein 2A'
2 non-polymer 'methyl 5-[(5-ethanoyl-2-ethoxy-phenyl)carbamoyl]-2-(2-piperazin-1-ylethoxy)benzoate'
3 water water
#
_entity_poly.entity_id   1
_entity_poly.type   'polypeptide(L)'
_entity_poly.pdbx_seq_one_letter_code
;SMHSDLTFCEIILMEMESHDAAWPFLEPVNPRLVSGYRRIIKNPMDFSTMRERLLRGGYTSSEEFAADALLVFDNCQTFN
EDDSEVGKAGHIMRRFFESRWEEFY
;
_entity_poly.pdbx_strand_id   A
#
loop_
_chem_comp.id
_chem_comp.type
_chem_comp.name
_chem_comp.formula
U2E non-polymer 'methyl 5-[(5-ethanoyl-2-ethoxy-phenyl)carbamoyl]-2-(2-piperazin-1-ylethoxy)benzoate' 'C25 H31 N3 O6'
#
# COMPACT_ATOMS: atom_id res chain seq x y z
N SER A 4 -8.62 -5.99 -17.49
CA SER A 4 -9.30 -4.95 -18.26
C SER A 4 -10.26 -4.14 -17.38
N ASP A 5 -10.65 -4.73 -16.25
CA ASP A 5 -11.34 -3.95 -15.24
C ASP A 5 -10.34 -3.41 -14.24
N LEU A 6 -9.12 -3.94 -14.26
CA LEU A 6 -8.01 -3.38 -13.51
C LEU A 6 -7.52 -2.10 -14.18
N THR A 7 -8.25 -1.61 -15.19
CA THR A 7 -7.94 -0.32 -15.78
C THR A 7 -7.83 0.77 -14.71
N PHE A 8 -8.76 0.75 -13.76
CA PHE A 8 -8.69 1.74 -12.69
C PHE A 8 -7.68 1.37 -11.62
N CYS A 9 -7.31 0.10 -11.50
CA CYS A 9 -6.32 -0.29 -10.51
C CYS A 9 -4.95 0.25 -10.85
N GLU A 10 -4.58 0.25 -12.13
CA GLU A 10 -3.31 0.87 -12.48
C GLU A 10 -3.37 2.39 -12.27
N ILE A 11 -4.53 3.00 -12.48
CA ILE A 11 -4.63 4.44 -12.23
C ILE A 11 -4.43 4.73 -10.75
N ILE A 12 -5.03 3.92 -9.88
CA ILE A 12 -4.80 4.09 -8.44
C ILE A 12 -3.34 3.87 -8.11
N LEU A 13 -2.82 2.71 -8.52
CA LEU A 13 -1.43 2.39 -8.22
C LEU A 13 -0.49 3.46 -8.77
N MET A 14 -0.74 3.94 -9.99
CA MET A 14 0.16 4.91 -10.58
C MET A 14 0.14 6.22 -9.80
N GLU A 15 -1.04 6.61 -9.30
CA GLU A 15 -1.16 7.85 -8.54
C GLU A 15 -0.59 7.70 -7.14
N MET A 16 -0.81 6.54 -6.52
CA MET A 16 -0.21 6.27 -5.21
C MET A 16 1.30 6.23 -5.31
N GLU A 17 1.84 5.64 -6.38
CA GLU A 17 3.30 5.58 -6.54
C GLU A 17 3.89 6.99 -6.57
N SER A 18 3.20 7.93 -7.21
CA SER A 18 3.72 9.28 -7.40
C SER A 18 3.29 10.26 -6.31
N HIS A 19 2.41 9.81 -5.41
CA HIS A 19 1.88 10.66 -4.34
C HIS A 19 2.99 11.13 -3.39
N ASP A 20 2.84 12.37 -2.90
CA ASP A 20 3.85 12.97 -2.02
C ASP A 20 4.11 12.12 -0.77
N ALA A 21 3.05 11.50 -0.23
CA ALA A 21 3.17 10.74 1.00
C ALA A 21 3.45 9.26 0.78
N ALA A 22 3.94 8.87 -0.40
CA ALA A 22 4.13 7.45 -0.68
C ALA A 22 5.48 6.93 -0.22
N TRP A 23 6.38 7.81 0.21
CA TRP A 23 7.76 7.40 0.46
C TRP A 23 7.92 6.24 1.44
N PRO A 24 7.01 5.97 2.39
CA PRO A 24 7.24 4.79 3.23
C PRO A 24 6.90 3.48 2.57
N PHE A 25 6.19 3.48 1.43
CA PHE A 25 5.59 2.25 0.88
C PHE A 25 6.07 1.94 -0.53
N LEU A 26 7.13 2.59 -1.00
CA LEU A 26 7.55 2.41 -2.38
C LEU A 26 8.38 1.15 -2.56
N GLU A 27 9.02 0.67 -1.49
CA GLU A 27 9.83 -0.55 -1.51
C GLU A 27 9.55 -1.31 -0.21
N PRO A 28 9.82 -2.63 -0.19
CA PRO A 28 9.55 -3.40 1.03
C PRO A 28 10.29 -2.82 2.22
N VAL A 29 9.64 -2.89 3.38
CA VAL A 29 10.33 -2.53 4.60
C VAL A 29 11.56 -3.40 4.74
N ASN A 30 12.70 -2.77 5.02
CA ASN A 30 13.95 -3.49 5.26
C ASN A 30 14.02 -3.84 6.74
N PRO A 31 13.74 -5.10 7.10
CA PRO A 31 13.74 -5.47 8.53
C PRO A 31 15.09 -5.33 9.20
N ARG A 32 16.19 -5.27 8.45
CA ARG A 32 17.48 -5.00 9.08
C ARG A 32 17.55 -3.59 9.64
N LEU A 33 16.82 -2.63 9.08
CA LEU A 33 16.93 -1.25 9.54
C LEU A 33 15.77 -0.81 10.41
N VAL A 34 14.72 -1.60 10.52
CA VAL A 34 13.53 -1.25 11.29
C VAL A 34 13.39 -2.29 12.39
N SER A 35 13.84 -1.91 13.58
CA SER A 35 13.78 -2.78 14.74
C SER A 35 12.36 -3.29 14.98
N GLY A 36 12.22 -4.62 15.05
CA GLY A 36 10.97 -5.23 15.42
C GLY A 36 9.98 -5.47 14.30
N TYR A 37 10.28 -5.00 13.07
CA TYR A 37 9.31 -5.14 11.99
C TYR A 37 9.04 -6.60 11.66
N ARG A 38 10.10 -7.43 11.65
CA ARG A 38 9.94 -8.82 11.23
C ARG A 38 8.96 -9.57 12.13
N ARG A 39 9.06 -9.37 13.46
CA ARG A 39 8.21 -10.09 14.40
C ARG A 39 6.77 -9.56 14.45
N ILE A 40 6.54 -8.27 14.21
CA ILE A 40 5.19 -7.72 14.35
C ILE A 40 4.33 -7.91 13.10
N ILE A 41 4.91 -7.77 11.93
CA ILE A 41 4.16 -7.72 10.67
C ILE A 41 4.42 -9.03 9.94
N LYS A 42 3.43 -9.91 9.89
CA LYS A 42 3.74 -11.23 9.36
C LYS A 42 3.38 -11.37 7.89
N ASN A 43 2.69 -10.39 7.31
CA ASN A 43 2.39 -10.37 5.87
C ASN A 43 2.75 -9.01 5.30
N PRO A 44 4.04 -8.78 4.99
CA PRO A 44 4.46 -7.48 4.43
C PRO A 44 3.85 -7.21 3.06
N MET A 45 3.61 -5.93 2.77
CA MET A 45 3.08 -5.51 1.49
C MET A 45 3.46 -4.04 1.26
N ASP A 46 3.80 -3.73 0.00
CA ASP A 46 4.29 -2.41 -0.38
C ASP A 46 3.96 -2.19 -1.86
N PHE A 47 4.02 -0.92 -2.30
CA PHE A 47 3.54 -0.57 -3.64
C PHE A 47 4.31 -1.28 -4.74
N SER A 48 5.62 -1.50 -4.54
CA SER A 48 6.40 -2.10 -5.63
C SER A 48 6.02 -3.56 -5.81
N THR A 49 5.72 -4.27 -4.72
CA THR A 49 5.23 -5.63 -4.82
C THR A 49 3.88 -5.67 -5.53
N MET A 50 3.02 -4.69 -5.24
CA MET A 50 1.76 -4.61 -5.99
C MET A 50 2.02 -4.30 -7.45
N ARG A 51 3.02 -3.44 -7.74
CA ARG A 51 3.44 -3.21 -9.12
C ARG A 51 3.91 -4.51 -9.78
N GLU A 52 4.90 -5.18 -9.17
CA GLU A 52 5.39 -6.44 -9.69
C GLU A 52 4.24 -7.41 -9.96
N ARG A 53 3.29 -7.51 -9.03
CA ARG A 53 2.22 -8.48 -9.21
C ARG A 53 1.21 -8.03 -10.27
N LEU A 54 0.92 -6.73 -10.36
CA LEU A 54 -0.04 -6.26 -11.34
C LEU A 54 0.49 -6.45 -12.77
N LEU A 55 1.76 -6.08 -13.00
CA LEU A 55 2.35 -6.25 -14.33
C LEU A 55 2.32 -7.71 -14.76
N ARG A 56 2.93 -8.59 -13.96
CA ARG A 56 2.98 -10.02 -14.31
C ARG A 56 1.58 -10.63 -14.40
N GLY A 57 0.54 -9.93 -13.91
CA GLY A 57 -0.84 -10.26 -14.22
C GLY A 57 -1.60 -11.00 -13.15
N GLY A 58 -1.02 -11.23 -11.97
CA GLY A 58 -1.63 -12.06 -10.95
C GLY A 58 -2.70 -11.43 -10.09
N TYR A 59 -3.53 -10.57 -10.67
CA TYR A 59 -4.66 -9.96 -9.96
C TYR A 59 -5.94 -10.38 -10.68
N THR A 60 -6.63 -11.40 -10.15
CA THR A 60 -7.78 -11.93 -10.88
C THR A 60 -8.97 -10.97 -10.84
N SER A 61 -9.03 -10.07 -9.87
CA SER A 61 -10.09 -9.08 -9.84
C SER A 61 -9.56 -7.83 -9.15
N SER A 62 -10.31 -6.73 -9.30
CA SER A 62 -10.01 -5.54 -8.52
C SER A 62 -10.17 -5.79 -7.03
N GLU A 63 -10.82 -6.89 -6.66
CA GLU A 63 -11.03 -7.27 -5.27
C GLU A 63 -9.70 -7.38 -4.52
N GLU A 64 -8.83 -8.33 -4.88
CA GLU A 64 -7.61 -8.52 -4.10
C GLU A 64 -6.51 -7.55 -4.47
N PHE A 65 -6.71 -6.70 -5.46
CA PHE A 65 -5.88 -5.50 -5.51
C PHE A 65 -6.12 -4.67 -4.27
N ALA A 66 -7.39 -4.36 -4.00
CA ALA A 66 -7.74 -3.62 -2.79
C ALA A 66 -7.22 -4.33 -1.54
N ALA A 67 -7.36 -5.66 -1.48
CA ALA A 67 -6.87 -6.39 -0.32
C ALA A 67 -5.39 -6.15 -0.11
N ASP A 68 -4.62 -6.09 -1.19
CA ASP A 68 -3.19 -5.86 -1.04
C ASP A 68 -2.93 -4.43 -0.59
N ALA A 69 -3.57 -3.44 -1.23
CA ALA A 69 -3.47 -2.06 -0.79
C ALA A 69 -3.89 -1.91 0.67
N LEU A 70 -5.08 -2.41 1.02
CA LEU A 70 -5.52 -2.36 2.42
C LEU A 70 -4.55 -3.06 3.35
N LEU A 71 -3.85 -4.09 2.88
CA LEU A 71 -2.83 -4.71 3.72
C LEU A 71 -1.68 -3.74 3.99
N VAL A 72 -1.30 -2.95 2.98
CA VAL A 72 -0.26 -1.94 3.17
C VAL A 72 -0.60 -1.03 4.36
N PHE A 73 -1.81 -0.44 4.34
CA PHE A 73 -2.20 0.52 5.36
C PHE A 73 -2.53 -0.15 6.69
N ASP A 74 -2.95 -1.42 6.67
CA ASP A 74 -3.15 -2.16 7.92
C ASP A 74 -1.83 -2.48 8.60
N ASN A 75 -0.82 -2.86 7.82
CA ASN A 75 0.51 -3.08 8.39
C ASN A 75 1.05 -1.78 8.96
N CYS A 76 0.84 -0.67 8.23
CA CYS A 76 1.37 0.62 8.67
C CYS A 76 0.78 1.04 10.01
N GLN A 77 -0.53 0.83 10.17
CA GLN A 77 -1.18 1.19 11.43
C GLN A 77 -0.83 0.21 12.53
N THR A 78 -0.61 -1.05 12.19
CA THR A 78 -0.13 -1.99 13.21
C THR A 78 1.23 -1.55 13.75
N PHE A 79 2.17 -1.21 12.85
CA PHE A 79 3.54 -1.01 13.32
C PHE A 79 3.83 0.39 13.86
N ASN A 80 3.29 1.45 13.24
CA ASN A 80 3.67 2.81 13.56
C ASN A 80 2.58 3.54 14.31
N GLU A 81 2.98 4.28 15.34
CA GLU A 81 2.08 5.17 16.06
C GLU A 81 1.43 6.17 15.10
N ASP A 82 0.18 6.52 15.38
CA ASP A 82 -0.57 7.38 14.48
C ASP A 82 0.09 8.74 14.29
N ASP A 83 0.81 9.21 15.31
CA ASP A 83 1.47 10.52 15.26
C ASP A 83 2.93 10.43 14.84
N SER A 84 3.42 9.24 14.50
CA SER A 84 4.74 9.10 13.94
C SER A 84 4.76 9.59 12.50
N GLU A 85 5.98 9.90 12.03
CA GLU A 85 6.17 10.35 10.66
C GLU A 85 5.65 9.31 9.66
N VAL A 86 5.97 8.03 9.86
CA VAL A 86 5.46 7.02 8.94
C VAL A 86 3.95 6.84 9.12
N GLY A 87 3.48 6.86 10.36
CA GLY A 87 2.04 6.78 10.59
C GLY A 87 1.27 7.89 9.88
N LYS A 88 1.74 9.13 10.02
CA LYS A 88 1.04 10.25 9.40
C LYS A 88 0.96 10.07 7.88
N ALA A 89 2.05 9.60 7.26
CA ALA A 89 2.03 9.39 5.82
C ALA A 89 1.06 8.28 5.45
N GLY A 90 1.07 7.18 6.23
CA GLY A 90 0.15 6.08 5.99
C GLY A 90 -1.30 6.50 5.99
N HIS A 91 -1.70 7.31 6.97
CA HIS A 91 -3.08 7.77 7.02
C HIS A 91 -3.45 8.55 5.76
N ILE A 92 -2.56 9.46 5.34
CA ILE A 92 -2.79 10.22 4.10
C ILE A 92 -2.90 9.27 2.92
N MET A 93 -2.02 8.27 2.85
CA MET A 93 -2.10 7.33 1.74
C MET A 93 -3.37 6.50 1.81
N ARG A 94 -3.74 6.05 3.02
CA ARG A 94 -4.93 5.20 3.17
C ARG A 94 -6.20 5.97 2.82
N ARG A 95 -6.30 7.23 3.24
CA ARG A 95 -7.47 8.01 2.86
C ARG A 95 -7.45 8.32 1.36
N PHE A 96 -6.28 8.60 0.79
CA PHE A 96 -6.18 8.74 -0.67
C PHE A 96 -6.75 7.51 -1.35
N PHE A 97 -6.34 6.33 -0.89
CA PHE A 97 -6.80 5.10 -1.52
C PHE A 97 -8.30 4.93 -1.38
N GLU A 98 -8.81 5.05 -0.15
CA GLU A 98 -10.25 4.97 0.07
C GLU A 98 -10.99 5.98 -0.78
N SER A 99 -10.52 7.24 -0.77
CA SER A 99 -11.15 8.29 -1.55
C SER A 99 -11.25 7.88 -3.02
N ARG A 100 -10.11 7.53 -3.61
CA ARG A 100 -10.08 7.18 -5.03
C ARG A 100 -10.90 5.92 -5.32
N TRP A 101 -10.90 4.97 -4.40
CA TRP A 101 -11.58 3.71 -4.67
C TRP A 101 -13.08 3.90 -4.78
N GLU A 102 -13.66 4.76 -3.92
CA GLU A 102 -15.09 4.99 -4.02
C GLU A 102 -15.43 5.93 -5.15
N GLU A 103 -14.51 6.83 -5.53
CA GLU A 103 -14.68 7.65 -6.73
C GLU A 103 -14.81 6.82 -7.99
N PHE A 104 -14.24 5.61 -8.01
CA PHE A 104 -14.32 4.74 -9.17
C PHE A 104 -15.30 3.59 -8.99
N TYR A 105 -15.47 3.08 -7.77
CA TYR A 105 -16.44 2.01 -7.52
C TYR A 105 -17.38 2.37 -6.36
C01 U2E B . 12.91 5.00 10.63
C02 U2E B . 11.58 4.23 10.51
C04 U2E B . 10.40 2.91 8.91
C05 U2E B . 10.02 2.99 7.56
C07 U2E B . 10.95 3.68 5.21
C09 U2E B . 12.04 4.47 4.46
C10 U2E B . 12.95 5.26 5.18
C11 U2E B . 13.95 5.95 4.49
C12 U2E B . 14.06 5.85 3.10
C14 U2E B . 15.71 5.86 1.37
C15 U2E B . 16.29 6.91 0.41
C17 U2E B . 15.08 6.31 -1.32
C18 U2E B . 15.06 6.03 -2.83
C20 U2E B . 17.10 7.15 -3.05
C21 U2E B . 17.15 7.40 -1.53
C22 U2E B . 13.15 5.06 2.41
C23 U2E B . 12.15 4.37 3.08
C24 U2E B . 14.93 6.80 5.29
C27 U2E B . 15.87 7.29 7.39
C28 U2E B . 8.82 2.41 7.13
C29 U2E B . 8.00 1.76 8.06
C30 U2E B . 8.39 1.70 9.40
C31 U2E B . 9.59 2.27 9.84
C32 U2E B . 6.67 1.13 7.63
C33 U2E B . 6.27 1.20 6.16
N06 U2E B . 10.94 3.70 6.67
N16 U2E B . 16.37 6.50 -0.77
N19 U2E B . 15.79 7.00 -3.55
O03 U2E B . 11.62 3.50 9.30
O08 U2E B . 10.16 3.04 4.59
O13 U2E B . 15.07 6.56 2.41
O25 U2E B . 15.91 7.25 4.77
O26 U2E B . 14.71 7.02 6.65
O34 U2E B . 5.93 0.61 8.41
C01 U2E C . 17.64 4.96 9.75
C02 U2E C . 16.66 3.93 9.17
C04 U2E C . 15.71 3.35 7.03
C05 U2E C . 16.01 3.18 5.69
C07 U2E C . 17.83 3.71 3.88
C09 U2E C . 18.95 4.71 3.59
C10 U2E C . 19.22 5.61 4.60
C11 U2E C . 20.20 6.57 4.45
C12 U2E C . 20.91 6.62 3.25
C14 U2E C . 22.76 7.45 1.96
C15 U2E C . 22.70 8.79 1.22
C17 U2E C . 23.74 10.02 2.72
C18 U2E C . 22.91 11.30 2.87
C20 U2E C . 23.06 11.68 0.55
C21 U2E C . 23.90 10.41 0.37
C22 U2E C . 20.63 5.71 2.23
C23 U2E C . 19.65 4.75 2.40
C24 U2E C . 20.46 7.55 5.62
C27 U2E C . 21.25 9.64 6.43
C28 U2E C . 15.26 2.33 4.88
C29 U2E C . 14.20 1.63 5.42
C30 U2E C . 13.89 1.78 6.77
C31 U2E C . 14.64 2.64 7.58
C32 U2E C . 13.42 0.69 4.51
C33 U2E C . 13.57 0.80 3.00
N06 U2E C . 17.13 3.94 5.14
N16 U2E C . 23.72 9.47 1.41
N19 U2E C . 23.19 12.23 1.85
O03 U2E C . 16.49 4.24 7.81
O08 U2E C . 17.57 2.82 3.13
O13 U2E C . 21.92 7.58 3.08
O25 U2E C . 20.43 7.13 6.73
O26 U2E C . 20.71 8.91 5.36
O34 U2E C . 12.72 -0.14 4.99
#